data_6WXM
#
_entry.id   6WXM
#
_cell.length_a   90.194
_cell.length_b   122.127
_cell.length_c   58.327
_cell.angle_alpha   90.000
_cell.angle_beta   90.000
_cell.angle_gamma   90.000
#
_symmetry.space_group_name_H-M   'C 2 2 21'
#
loop_
_entity.id
_entity.type
_entity.pdbx_description
1 polymer 'Amyloid-beta protein'
2 non-polymer HEXANE-1,6-DIOL
3 water water
#
_entity_poly.entity_id   1
_entity_poly.type   'polypeptide(L)'
_entity_poly.pdbx_seq_one_letter_code
;V(ORN)KLV(PHI)FCEDVGSNKGACI(SAR)LM
;
_entity_poly.pdbx_strand_id   F,H,B,I,E,A,C,D,J,G,K
#
loop_
_chem_comp.id
_chem_comp.type
_chem_comp.name
_chem_comp.formula
HEZ non-polymer HEXANE-1,6-DIOL 'C6 H14 O2'
#
# COMPACT_ATOMS: atom_id res chain seq x y z
N VAL A 1 4.88 -2.75 7.70
CA VAL A 1 4.96 -2.54 9.13
C VAL A 1 6.37 -3.02 9.44
N ORN A 2 11.03 -4.99 7.39
CA ORN A 2 9.59 -4.95 7.80
CB ORN A 2 8.98 -3.58 7.57
CG ORN A 2 9.52 -2.52 8.52
CD ORN A 2 8.71 -2.36 9.87
NE ORN A 2 7.33 -2.05 9.62
C ORN A 2 8.81 -5.98 7.01
O ORN A 2 9.34 -6.65 6.12
H2 ORN A 2 11.42 -5.94 7.31
H ORN A 2 11.21 -4.56 6.48
HA ORN A 2 9.58 -5.22 8.86
HB2 ORN A 2 9.21 -3.25 6.54
HB3 ORN A 2 7.90 -3.64 7.71
HG2 ORN A 2 9.51 -1.54 8.01
HG3 ORN A 2 10.55 -2.76 8.77
HD2 ORN A 2 9.15 -1.56 10.46
HD3 ORN A 2 8.76 -3.31 10.42
HE1 ORN A 2 7.11 -1.09 9.58
N LYS A 3 7.47 -6.07 7.33
CA LYS A 3 6.59 -7.00 6.65
C LYS A 3 5.29 -6.35 6.15
N LEU A 4 4.72 -6.91 5.08
CA LEU A 4 3.49 -6.37 4.52
C LEU A 4 2.28 -6.81 5.35
N VAL A 5 1.39 -5.86 5.60
CA VAL A 5 0.17 -6.09 6.38
C VAL A 5 -0.94 -5.37 5.59
N PHI A 6 -2.15 -5.91 5.63
CA PHI A 6 -3.33 -5.37 4.95
CB PHI A 6 -4.30 -6.45 4.40
CG PHI A 6 -3.77 -6.86 3.01
CD1 PHI A 6 -3.02 -8.08 2.93
CD2 PHI A 6 -3.94 -6.09 1.87
CE1 PHI A 6 -2.50 -8.47 1.75
CE2 PHI A 6 -3.42 -6.49 0.67
CZ PHI A 6 -2.67 -7.72 0.61
I PHI A 6 -1.82 -8.44 -1.18
C PHI A 6 -4.00 -4.53 6.00
O PHI A 6 -4.18 -4.95 7.20
H PHI A 6 -2.46 -6.44 6.35
HA PHI A 6 -3.06 -4.87 4.16
HB2 PHI A 6 -4.31 -7.19 4.96
HB3 PHI A 6 -5.16 -6.11 4.33
HD1 PHI A 6 -2.88 -8.62 3.72
HD2 PHI A 6 -4.49 -5.22 1.92
HE1 PHI A 6 -1.97 -9.33 1.70
HE2 PHI A 6 -3.56 -5.91 -0.18
N PHE A 7 -4.41 -3.33 5.60
CA PHE A 7 -5.19 -2.43 6.46
C PHE A 7 -6.46 -2.16 5.70
N CYS A 8 -7.57 -2.44 6.37
CA CYS A 8 -8.88 -2.48 5.77
C CYS A 8 -9.78 -1.43 6.39
N GLU A 9 -10.74 -0.96 5.61
CA GLU A 9 -11.81 -0.14 6.15
C GLU A 9 -13.11 -0.58 5.51
N ASP A 10 -14.18 -0.49 6.28
CA ASP A 10 -15.47 -0.99 5.83
C ASP A 10 -15.98 -0.10 4.71
N VAL A 11 -16.26 -0.72 3.57
CA VAL A 11 -16.89 -0.05 2.44
C VAL A 11 -18.38 -0.33 2.38
N GLY A 12 -18.95 -0.87 3.44
CA GLY A 12 -20.36 -1.18 3.46
C GLY A 12 -20.66 -2.55 2.87
N SER A 13 -21.86 -3.01 3.18
CA SER A 13 -22.38 -4.26 2.62
C SER A 13 -21.47 -5.44 2.97
N ASN A 14 -20.93 -5.42 4.19
CA ASN A 14 -20.18 -6.53 4.79
C ASN A 14 -18.83 -6.75 4.11
N LYS A 15 -18.32 -5.75 3.40
CA LYS A 15 -17.06 -5.86 2.68
C LYS A 15 -16.06 -4.88 3.27
N GLY A 16 -14.81 -5.31 3.33
CA GLY A 16 -13.71 -4.45 3.71
C GLY A 16 -12.72 -4.31 2.59
N ALA A 17 -12.39 -3.05 2.26
CA ALA A 17 -11.34 -2.73 1.30
C ALA A 17 -10.01 -2.64 2.03
N CYS A 18 -9.06 -3.49 1.66
CA CYS A 18 -7.76 -3.57 2.31
C CYS A 18 -6.62 -3.28 1.35
N ILE A 19 -5.67 -2.46 1.80
CA ILE A 19 -4.44 -2.24 1.02
C ILE A 19 -3.21 -2.70 1.85
N SAR A 20 -2.18 -3.18 1.18
CA SAR A 20 -0.89 -3.52 1.78
C SAR A 20 -0.16 -2.43 2.12
O SAR A 20 0.08 -1.62 1.27
CN SAR A 20 -2.09 -3.22 -0.29
HA2 SAR A 20 -0.35 -4.02 1.15
HA3 SAR A 20 -1.02 -4.03 2.58
HN1 SAR A 20 -2.43 -4.08 -0.61
HN2 SAR A 20 -2.63 -2.49 -0.67
HN3 SAR A 20 -1.15 -3.12 -0.56
N LEU A 21 0.27 -2.33 3.37
CA LEU A 21 1.25 -1.34 3.79
C LEU A 21 2.37 -2.05 4.55
N MET A 22 3.52 -1.41 4.75
CA MET A 22 4.63 -2.09 5.40
C MET A 22 4.62 -1.73 6.89
N VAL B 1 -15.33 3.58 -3.50
CA VAL B 1 -14.08 3.50 -2.79
C VAL B 1 -13.36 4.83 -2.97
N ORN B 2 -14.06 9.89 -4.87
CA ORN B 2 -13.99 8.39 -4.84
CB ORN B 2 -14.51 7.86 -3.50
CG ORN B 2 -13.58 8.14 -2.32
CD ORN B 2 -12.65 6.96 -1.96
NE ORN B 2 -13.34 5.68 -1.88
C ORN B 2 -14.78 7.75 -6.00
O ORN B 2 -15.90 8.15 -6.32
H2 ORN B 2 -13.33 10.35 -4.33
H ORN B 2 -13.99 10.29 -5.79
HA ORN B 2 -12.93 8.17 -5.01
HB2 ORN B 2 -15.47 8.34 -3.30
HB3 ORN B 2 -14.63 6.77 -3.59
HG2 ORN B 2 -14.19 8.39 -1.44
HG3 ORN B 2 -12.97 9.02 -2.55
HD2 ORN B 2 -12.19 7.17 -0.99
HD3 ORN B 2 -11.87 6.89 -2.74
HE1 ORN B 2 -13.75 5.45 -0.98
N LYS B 3 -14.15 6.68 -6.62
CA LYS B 3 -14.73 5.93 -7.73
C LYS B 3 -15.48 4.67 -7.31
N LEU B 4 -16.15 4.06 -8.28
CA LEU B 4 -16.89 2.81 -8.05
C LEU B 4 -15.98 1.64 -8.39
N VAL B 5 -15.91 0.68 -7.48
CA VAL B 5 -15.01 -0.45 -7.65
C VAL B 5 -15.78 -1.71 -7.37
N PHI B 6 -15.67 -2.69 -8.25
CA PHI B 6 -16.19 -4.01 -7.97
CB PHI B 6 -16.24 -4.75 -9.34
CG PHI B 6 -17.48 -4.23 -10.08
CD1 PHI B 6 -17.30 -3.18 -11.05
CD2 PHI B 6 -18.73 -4.75 -9.81
CE1 PHI B 6 -18.37 -2.70 -11.72
CE2 PHI B 6 -19.81 -4.26 -10.49
CZ PHI B 6 -19.62 -3.21 -11.48
I PHI B 6 -21.27 -2.43 -12.54
C PHI B 6 -15.48 -4.81 -6.95
O PHI B 6 -14.20 -4.84 -6.87
H PHI B 6 -15.60 -2.56 -9.19
HA PHI B 6 -17.05 -3.90 -7.56
HB2 PHI B 6 -15.46 -4.56 -9.83
HB3 PHI B 6 -16.29 -5.66 -9.20
HD1 PHI B 6 -16.42 -2.82 -11.23
HD2 PHI B 6 -18.85 -5.49 -9.12
HE1 PHI B 6 -18.26 -1.96 -12.41
HE2 PHI B 6 -20.77 -4.64 -10.31
N PHE B 7 -16.31 -5.45 -6.12
CA PHE B 7 -15.88 -6.42 -5.11
C PHE B 7 -16.46 -7.78 -5.47
N CYS B 8 -15.57 -8.70 -5.84
CA CYS B 8 -15.90 -10.01 -6.36
C CYS B 8 -15.52 -11.13 -5.38
N GLU B 9 -16.25 -12.23 -5.46
CA GLU B 9 -16.06 -13.39 -4.60
C GLU B 9 -15.43 -14.55 -5.35
N ASP B 10 -14.94 -15.51 -4.56
CA ASP B 10 -14.44 -16.78 -5.08
C ASP B 10 -14.47 -17.83 -3.98
N VAL B 11 -15.66 -18.12 -3.44
CA VAL B 11 -15.77 -18.96 -2.26
C VAL B 11 -16.29 -20.34 -2.65
N GLY B 12 -15.38 -21.25 -2.97
CA GLY B 12 -15.77 -22.62 -3.31
C GLY B 12 -16.80 -22.72 -4.41
N SER B 13 -16.71 -21.83 -5.40
CA SER B 13 -17.68 -21.70 -6.48
C SER B 13 -19.08 -21.36 -5.99
N ASN B 14 -19.23 -21.04 -4.70
CA ASN B 14 -20.48 -20.49 -4.21
C ASN B 14 -20.91 -19.31 -5.08
N LYS B 15 -19.98 -18.40 -5.33
CA LYS B 15 -20.21 -17.25 -6.17
C LYS B 15 -18.93 -16.94 -6.93
N GLY B 16 -19.11 -16.30 -8.09
CA GLY B 16 -18.03 -15.65 -8.82
C GLY B 16 -18.48 -14.26 -9.23
N ALA B 17 -19.42 -13.72 -8.48
CA ALA B 17 -20.06 -12.46 -8.82
C ALA B 17 -19.44 -11.30 -8.04
N CYS B 18 -19.87 -10.09 -8.39
CA CYS B 18 -19.31 -8.90 -7.78
C CYS B 18 -20.38 -7.84 -7.58
N ILE B 19 -20.03 -6.84 -6.78
CA ILE B 19 -20.92 -5.73 -6.51
C ILE B 19 -20.11 -4.45 -6.46
N SAR B 20 -20.69 -3.34 -6.87
CA SAR B 20 -20.08 -2.04 -6.93
C SAR B 20 -20.19 -1.41 -5.76
O SAR B 20 -21.29 -1.32 -5.27
CN SAR B 20 -22.10 -3.21 -7.28
HA2 SAR B 20 -20.50 -1.48 -7.60
HA3 SAR B 20 -19.13 -2.10 -7.14
HN1 SAR B 20 -22.16 -3.28 -8.26
HN2 SAR B 20 -22.63 -3.92 -6.87
HN3 SAR B 20 -22.44 -2.33 -7.00
N LEU B 21 -19.09 -0.89 -5.21
CA LEU B 21 -19.13 -0.10 -3.99
C LEU B 21 -18.18 1.09 -4.16
N MET B 22 -18.55 2.24 -3.60
CA MET B 22 -17.70 3.42 -3.69
C MET B 22 -16.45 3.29 -2.85
N VAL C 1 3.24 3.48 10.60
CA VAL C 1 4.06 3.93 11.71
C VAL C 1 3.23 4.23 12.93
N ORN C 2 -1.92 3.94 14.94
CA ORN C 2 -0.73 4.35 14.09
CB ORN C 2 0.16 3.18 13.76
CG ORN C 2 1.00 2.71 14.95
CD ORN C 2 2.38 3.42 15.07
NE ORN C 2 3.16 3.24 13.87
C ORN C 2 -1.22 5.04 12.81
O ORN C 2 -2.42 5.06 12.48
H2 ORN C 2 -1.68 3.70 15.90
H ORN C 2 -2.64 4.67 15.03
HA ORN C 2 -0.19 5.08 14.69
HB2 ORN C 2 -0.47 2.33 13.43
HB3 ORN C 2 0.84 3.47 12.95
HG2 ORN C 2 0.44 2.87 15.87
HG3 ORN C 2 1.19 1.63 14.85
HD2 ORN C 2 2.20 4.50 15.21
HD3 ORN C 2 2.92 3.01 15.92
HE1 ORN C 2 3.63 2.33 13.77
N LYS C 3 -0.23 5.65 12.08
CA LYS C 3 -0.53 6.40 10.88
C LYS C 3 0.28 6.05 9.67
N LEU C 4 -0.37 6.22 8.52
CA LEU C 4 0.29 6.04 7.24
C LEU C 4 1.38 7.09 7.04
N VAL C 5 2.56 6.66 6.61
CA VAL C 5 3.67 7.55 6.31
C VAL C 5 4.37 6.95 5.09
N PHI C 6 4.79 7.78 4.15
CA PHI C 6 5.35 7.32 2.87
CB PHI C 6 4.87 8.13 1.64
CG PHI C 6 3.64 7.40 1.04
CD1 PHI C 6 2.33 7.96 1.33
CD2 PHI C 6 3.73 6.26 0.25
CE1 PHI C 6 1.22 7.35 0.85
CE2 PHI C 6 2.60 5.66 -0.24
CZ PHI C 6 1.31 6.21 0.08
I PHI C 6 -0.46 5.31 -0.63
C PHI C 6 6.85 7.45 3.05
O PHI C 6 7.35 8.51 3.59
H PHI C 6 5.10 8.65 4.32
HA PHI C 6 5.05 6.42 2.68
HB2 PHI C 6 4.63 8.99 1.90
HB3 PHI C 6 5.55 8.19 1.01
HD1 PHI C 6 2.26 8.75 1.88
HD2 PHI C 6 4.66 5.87 0.02
HE1 PHI C 6 0.31 7.74 1.06
HE2 PHI C 6 2.67 4.81 -0.84
N PHE C 7 7.60 6.43 2.67
CA PHE C 7 9.06 6.50 2.64
C PHE C 7 9.52 6.37 1.22
N CYS C 8 10.37 7.31 0.82
CA CYS C 8 10.70 7.55 -0.58
C CYS C 8 12.16 7.26 -0.87
N GLU C 9 12.40 6.86 -2.12
CA GLU C 9 13.74 6.53 -2.58
C GLU C 9 13.93 7.13 -3.98
N ASP C 10 15.01 7.88 -4.17
CA ASP C 10 15.18 8.57 -5.44
C ASP C 10 15.51 7.57 -6.54
N VAL C 11 14.79 7.69 -7.65
CA VAL C 11 15.02 6.90 -8.84
C VAL C 11 15.58 7.77 -9.97
N GLY C 12 16.11 8.94 -9.62
CA GLY C 12 16.71 9.82 -10.60
C GLY C 12 15.64 10.47 -11.48
N SER C 13 16.13 11.32 -12.39
CA SER C 13 15.27 11.97 -13.37
C SER C 13 14.16 12.77 -12.71
N ASN C 14 14.48 13.42 -11.58
CA ASN C 14 13.52 14.25 -10.85
C ASN C 14 12.31 13.43 -10.42
N LYS C 15 12.55 12.37 -9.66
CA LYS C 15 11.44 11.56 -9.20
C LYS C 15 11.93 10.55 -8.16
N GLY C 16 11.10 10.31 -7.16
CA GLY C 16 11.34 9.24 -6.22
C GLY C 16 10.10 8.40 -6.05
N ALA C 17 10.31 7.11 -5.76
CA ALA C 17 9.21 6.17 -5.56
C ALA C 17 9.04 5.94 -4.07
N CYS C 18 7.80 6.02 -3.59
CA CYS C 18 7.50 6.04 -2.17
C CYS C 18 6.50 4.96 -1.82
N ILE C 19 6.80 4.19 -0.78
CA ILE C 19 5.92 3.14 -0.33
C ILE C 19 5.31 3.51 1.03
N SAR C 20 4.15 2.96 1.36
CA SAR C 20 3.45 3.17 2.62
C SAR C 20 3.88 2.43 3.66
O SAR C 20 3.94 1.21 3.57
CN SAR C 20 3.35 2.08 0.49
HA2 SAR C 20 2.50 2.96 2.52
HA3 SAR C 20 3.53 4.09 2.90
HN1 SAR C 20 2.87 1.43 1.06
HN2 SAR C 20 3.95 1.60 -0.13
HN3 SAR C 20 2.71 2.61 -0.01
N LEU C 21 4.19 3.07 4.78
CA LEU C 21 4.47 2.33 6.00
C LEU C 21 3.43 2.70 7.04
N MET C 22 3.09 1.77 7.91
CA MET C 22 2.17 2.04 9.00
C MET C 22 3.07 2.22 10.21
N VAL D 1 7.14 10.59 20.22
CA VAL D 1 7.15 10.98 21.62
C VAL D 1 6.19 10.10 22.43
N ORN D 2 2.68 5.89 22.54
CA ORN D 2 3.25 7.22 22.14
CB ORN D 2 4.79 7.14 21.95
CG ORN D 2 5.56 6.92 23.25
CD ORN D 2 5.91 8.23 24.01
NE ORN D 2 6.75 9.12 23.20
C ORN D 2 2.60 7.72 20.84
O ORN D 2 1.84 7.02 20.18
H2 ORN D 2 2.88 5.62 23.50
H ORN D 2 1.66 5.83 22.46
HA ORN D 2 2.98 7.91 22.94
HB2 ORN D 2 5.01 6.30 21.28
HB3 ORN D 2 5.14 8.08 21.50
HG2 ORN D 2 4.96 6.27 23.91
HG3 ORN D 2 6.50 6.38 23.03
HD2 ORN D 2 6.44 7.98 24.94
HD3 ORN D 2 4.97 8.75 24.25
HE1 ORN D 2 7.75 8.95 23.27
N LYS D 3 2.93 8.99 20.45
CA LYS D 3 2.36 9.52 19.24
C LYS D 3 3.36 10.36 18.46
N LEU D 4 3.07 10.42 17.15
CA LEU D 4 3.97 10.97 16.16
C LEU D 4 3.80 12.48 16.11
N VAL D 5 4.89 13.19 16.08
CA VAL D 5 4.85 14.63 16.20
C VAL D 5 5.83 15.28 15.23
N PHI D 6 5.51 16.46 14.74
CA PHI D 6 6.25 17.01 13.62
CB PHI D 6 5.50 17.13 12.28
CG PHI D 6 5.67 15.76 11.61
CD1 PHI D 6 4.71 14.73 11.95
CD2 PHI D 6 6.72 15.50 10.76
CE1 PHI D 6 4.81 13.50 11.42
CE2 PHI D 6 6.83 14.26 10.21
CZ PHI D 6 5.85 13.24 10.55
I PHI D 6 5.97 11.29 9.76
C PHI D 6 6.68 18.38 13.97
O PHI D 6 5.90 19.22 14.57
H PHI D 6 5.08 17.16 15.22
HA PHI D 6 6.96 16.38 13.49
HB2 PHI D 6 4.61 17.32 12.41
HB3 PHI D 6 5.88 17.79 11.75
HD1 PHI D 6 3.99 14.93 12.56
HD2 PHI D 6 7.41 16.23 10.53
HE1 PHI D 6 4.15 12.79 11.63
HE2 PHI D 6 7.62 14.03 9.56
N PHE D 7 7.88 18.69 13.53
CA PHE D 7 8.41 20.01 13.65
C PHE D 7 8.80 20.59 12.30
N CYS D 8 8.22 21.73 11.90
CA CYS D 8 8.37 22.23 10.54
C CYS D 8 8.92 23.64 10.51
N GLU D 9 9.81 23.88 9.57
CA GLU D 9 10.51 25.15 9.40
C GLU D 9 10.84 25.25 7.92
N ASP D 10 10.88 26.47 7.40
CA ASP D 10 11.36 26.68 6.05
C ASP D 10 12.86 26.95 6.10
N VAL D 11 13.59 26.38 5.13
CA VAL D 11 15.04 26.31 5.18
C VAL D 11 15.60 26.58 3.78
N GLY D 12 16.93 26.63 3.69
CA GLY D 12 17.52 27.06 2.44
C GLY D 12 17.14 28.51 2.21
N SER D 13 16.94 28.88 0.94
CA SER D 13 16.38 30.19 0.64
C SER D 13 14.88 30.15 0.40
N ASN D 14 14.41 29.06 -0.25
CA ASN D 14 13.06 28.86 -0.80
C ASN D 14 12.64 27.38 -0.55
N LYS D 15 12.19 27.13 0.69
CA LYS D 15 12.10 25.65 0.90
C LYS D 15 11.62 25.33 2.30
N GLY D 16 11.00 24.18 2.51
CA GLY D 16 10.56 23.80 3.85
C GLY D 16 10.61 22.31 4.09
N ALA D 17 10.72 21.95 5.36
CA ALA D 17 10.87 20.56 5.78
C ALA D 17 10.39 20.34 7.22
N CYS D 18 9.98 19.12 7.49
CA CYS D 18 9.47 18.72 8.79
C CYS D 18 10.28 17.54 9.28
N ILE D 19 10.59 17.51 10.56
CA ILE D 19 11.10 16.26 11.09
C ILE D 19 10.08 15.67 12.07
N SAR D 20 9.90 14.36 11.97
CA SAR D 20 9.02 13.55 12.81
C SAR D 20 9.64 13.02 13.86
O SAR D 20 10.72 12.50 13.73
CN SAR D 20 10.55 13.48 11.01
HA2 SAR D 20 8.64 12.83 12.30
HA3 SAR D 20 8.29 14.09 13.16
HN1 SAR D 20 10.43 12.55 11.27
HN2 SAR D 20 10.17 13.62 10.12
HN3 SAR D 20 11.52 13.68 10.98
N LEU D 21 8.98 13.04 15.01
CA LEU D 21 9.50 12.44 16.22
C LEU D 21 8.38 11.63 16.84
N MET D 22 8.71 10.43 17.28
CA MET D 22 7.80 9.59 18.05
C MET D 22 8.03 9.88 19.55
N VAL E 1 -3.10 -15.80 1.88
CA VAL E 1 -3.18 -15.05 0.62
C VAL E 1 -2.28 -15.85 -0.31
N ORN E 2 0.96 -20.20 -1.31
CA ORN E 2 0.48 -18.96 -0.56
CB ORN E 2 -1.04 -18.98 -0.29
CG ORN E 2 -1.95 -18.96 -1.55
CD ORN E 2 -2.18 -17.53 -2.15
NE ORN E 2 -2.91 -16.68 -1.21
C ORN E 2 1.27 -18.71 0.78
O ORN E 2 2.21 -19.44 1.13
H2 ORN E 2 0.60 -20.28 -2.26
H ORN E 2 1.97 -20.26 -1.41
HA ORN E 2 0.73 -18.13 -1.24
HB2 ORN E 2 -1.30 -18.09 0.30
HB3 ORN E 2 -1.28 -19.89 0.27
HG2 ORN E 2 -2.92 -19.40 -1.29
HG3 ORN E 2 -1.49 -19.60 -2.33
HD2 ORN E 2 -2.75 -17.62 -3.08
HD3 ORN E 2 -1.21 -17.07 -2.35
HE1 ORN E 2 -3.93 -16.77 -1.27
N LYS E 3 0.84 -17.65 1.56
CA LYS E 3 1.49 -17.25 2.81
C LYS E 3 0.54 -16.61 3.82
N LEU E 4 0.86 -16.74 5.12
CA LEU E 4 0.04 -16.11 6.16
C LEU E 4 0.30 -14.61 6.19
N VAL E 5 -0.77 -13.84 6.01
CA VAL E 5 -0.71 -12.39 5.98
C VAL E 5 -1.75 -11.81 6.92
N PHI E 6 -1.39 -10.75 7.63
CA PHI E 6 -2.24 -10.22 8.68
CB PHI E 6 -1.43 -9.57 9.83
CG PHI E 6 -1.34 -10.70 10.89
CD1 PHI E 6 -0.41 -11.79 10.66
CD2 PHI E 6 -2.15 -10.68 12.00
CE1 PHI E 6 -0.33 -12.80 11.56
CE2 PHI E 6 -2.07 -11.70 12.91
CZ PHI E 6 -1.13 -12.79 12.69
I PHI E 6 -1.01 -14.35 14.11
C PHI E 6 -3.15 -9.19 8.05
O PHI E 6 -2.72 -8.42 7.10
H PHI E 6 -0.80 -10.08 7.32
HA PHI E 6 -2.74 -10.94 9.07
HB2 PHI E 6 -0.58 -9.33 9.54
HB3 PHI E 6 -1.86 -8.84 10.17
HD1 PHI E 6 0.15 -11.79 9.88
HD2 PHI E 6 -2.82 -9.91 12.14
HE1 PHI E 6 0.31 -13.56 11.42
HE2 PHI E 6 -2.68 -11.69 13.76
N PHE E 7 -4.38 -9.15 8.53
CA PHE E 7 -5.39 -8.16 8.13
C PHE E 7 -5.85 -7.40 9.38
N CYS E 8 -5.80 -6.05 9.35
CA CYS E 8 -6.21 -5.23 10.48
C CYS E 8 -7.18 -4.14 10.08
N GLU E 9 -7.98 -3.70 11.04
CA GLU E 9 -8.94 -2.63 10.85
C GLU E 9 -8.37 -1.30 11.30
N ASP E 10 -8.59 -0.26 10.50
CA ASP E 10 -8.47 1.14 10.88
C ASP E 10 -9.75 1.87 10.49
N VAL E 11 -10.90 1.24 10.73
CA VAL E 11 -12.18 1.71 10.20
C VAL E 11 -12.44 3.16 10.62
N GLY E 12 -12.35 3.43 11.93
CA GLY E 12 -12.67 4.75 12.44
C GLY E 12 -13.41 4.70 13.76
N SER E 13 -12.77 5.15 14.83
CA SER E 13 -13.28 5.08 16.20
C SER E 13 -13.48 3.64 16.68
N ASN E 14 -12.99 2.67 15.93
CA ASN E 14 -12.95 1.27 16.35
C ASN E 14 -11.54 0.79 16.05
N LYS E 15 -10.69 0.78 17.09
CA LYS E 15 -9.26 0.58 16.93
C LYS E 15 -8.98 -0.75 16.24
N GLY E 16 -7.70 -0.97 15.94
CA GLY E 16 -7.29 -2.04 15.07
C GLY E 16 -6.98 -3.37 15.72
N ALA E 17 -7.85 -4.33 15.50
CA ALA E 17 -7.55 -5.74 15.74
C ALA E 17 -7.14 -6.37 14.41
N CYS E 18 -6.43 -7.49 14.47
CA CYS E 18 -6.10 -8.12 13.21
C CYS E 18 -6.20 -9.63 13.30
N ILE E 19 -6.27 -10.23 12.12
CA ILE E 19 -6.21 -11.67 12.01
C ILE E 19 -5.39 -12.10 10.80
N SAR E 20 -4.80 -13.29 10.85
CA SAR E 20 -4.03 -13.90 9.79
C SAR E 20 -4.81 -14.47 8.88
O SAR E 20 -5.75 -15.14 9.22
CN SAR E 20 -4.93 -14.26 11.93
HA2 SAR E 20 -3.45 -14.59 10.14
HA3 SAR E 20 -3.48 -13.24 9.34
HN1 SAR E 20 -5.07 -15.16 11.56
HN2 SAR E 20 -4.11 -14.26 12.49
HN3 SAR E 20 -5.71 -14.03 12.50
N LEU E 21 -4.48 -14.32 7.61
CA LEU E 21 -5.25 -14.95 6.56
C LEU E 21 -4.27 -15.52 5.55
N MET E 22 -4.65 -16.61 4.88
CA MET E 22 -3.87 -17.15 3.77
C MET E 22 -4.15 -16.35 2.48
N VAL F 1 -2.75 13.02 -0.79
CA VAL F 1 -3.11 11.65 -1.10
C VAL F 1 -4.60 11.46 -0.80
N ORN F 2 -9.71 12.88 0.77
CA ORN F 2 -8.20 12.72 0.89
CB ORN F 2 -7.44 13.29 -0.35
CG ORN F 2 -7.64 12.50 -1.66
CD ORN F 2 -6.88 11.15 -1.69
NE ORN F 2 -5.44 11.35 -1.88
C ORN F 2 -7.67 13.42 2.15
O ORN F 2 -8.39 14.15 2.83
H2 ORN F 2 -10.22 12.73 1.65
H ORN F 2 -10.01 13.81 0.47
HA ORN F 2 -8.04 11.64 0.98
HB2 ORN F 2 -6.36 13.29 -0.13
HB3 ORN F 2 -7.80 14.31 -0.53
HG2 ORN F 2 -8.71 12.31 -1.81
HG3 ORN F 2 -7.29 13.12 -2.50
HD2 ORN F 2 -7.26 10.55 -2.51
HD3 ORN F 2 -7.04 10.64 -0.74
HE1 ORN F 2 -5.11 11.41 -2.85
N LYS F 3 -6.36 13.20 2.45
CA LYS F 3 -5.74 13.81 3.62
C LYS F 3 -4.26 14.07 3.34
N LEU F 4 -3.66 14.86 4.22
CA LEU F 4 -2.25 15.17 4.12
C LEU F 4 -1.46 13.99 4.66
N VAL F 5 -0.47 13.56 3.90
CA VAL F 5 0.33 12.42 4.32
C VAL F 5 1.79 12.83 4.20
N PHI F 6 2.63 12.31 5.08
CA PHI F 6 4.01 12.77 5.14
CB PHI F 6 4.59 12.70 6.56
CG PHI F 6 4.29 14.09 7.20
CD1 PHI F 6 3.27 14.12 8.24
CD2 PHI F 6 4.90 15.24 6.79
CE1 PHI F 6 2.93 15.30 8.82
CE2 PHI F 6 4.57 16.43 7.39
CZ PHI F 6 3.56 16.46 8.45
I PHI F 6 3.04 18.29 9.37
C PHI F 6 4.78 11.87 4.21
O PHI F 6 4.56 10.60 4.17
H PHI F 6 2.55 11.45 5.45
HA PHI F 6 4.07 13.70 4.89
HB2 PHI F 6 4.18 12.03 7.05
HB3 PHI F 6 5.50 12.56 6.52
HD1 PHI F 6 2.83 13.31 8.50
HD2 PHI F 6 5.61 15.22 6.05
HE1 PHI F 6 2.22 15.31 9.53
HE2 PHI F 6 5.05 17.31 7.09
N PHE F 7 5.66 12.48 3.44
CA PHE F 7 6.59 11.75 2.58
C PHE F 7 8.00 11.99 3.08
N CYS F 8 8.63 10.94 3.59
CA CYS F 8 9.91 11.02 4.27
C CYS F 8 11.00 10.34 3.44
N GLU F 9 12.18 10.95 3.43
CA GLU F 9 13.31 10.41 2.70
C GLU F 9 14.05 9.36 3.52
N ASP F 10 14.51 8.32 2.83
CA ASP F 10 15.15 7.19 3.49
C ASP F 10 16.66 7.29 3.51
N VAL F 11 17.26 7.89 2.48
CA VAL F 11 18.70 7.98 2.36
C VAL F 11 19.06 9.30 1.69
N GLY F 12 20.31 9.70 1.87
CA GLY F 12 20.87 10.80 1.14
C GLY F 12 20.81 12.13 1.85
N SER F 13 20.57 13.18 1.05
CA SER F 13 20.68 14.55 1.53
C SER F 13 19.76 14.83 2.70
N ASN F 14 18.46 14.63 2.49
CA ASN F 14 17.44 15.04 3.44
C ASN F 14 16.81 13.86 4.15
N LYS F 15 17.57 12.80 4.40
CA LYS F 15 17.03 11.65 5.09
C LYS F 15 16.54 12.06 6.47
N GLY F 16 15.45 11.45 6.90
CA GLY F 16 14.82 11.81 8.15
C GLY F 16 13.96 13.06 8.09
N ALA F 17 13.95 13.73 6.95
CA ALA F 17 13.08 14.90 6.75
C ALA F 17 11.89 14.49 5.88
N CYS F 18 10.75 15.14 6.13
CA CYS F 18 9.51 14.80 5.47
C CYS F 18 8.81 16.05 4.93
N ILE F 19 8.00 15.85 3.91
CA ILE F 19 7.09 16.88 3.46
C ILE F 19 5.66 16.32 3.38
N SAR F 20 4.67 17.19 3.56
CA SAR F 20 3.25 16.92 3.41
C SAR F 20 2.86 17.00 2.12
O SAR F 20 3.09 18.02 1.51
CN SAR F 20 4.85 18.62 3.77
HA2 SAR F 20 2.73 17.57 3.91
HA3 SAR F 20 3.04 16.03 3.72
HN1 SAR F 20 4.84 18.82 4.73
HN2 SAR F 20 5.71 18.90 3.39
HN3 SAR F 20 4.12 19.11 3.32
N LEU F 21 2.22 15.95 1.61
CA LEU F 21 1.59 16.00 0.30
C LEU F 21 0.20 15.40 0.35
N MET F 22 -0.61 15.75 -0.63
CA MET F 22 -1.98 15.29 -0.68
C MET F 22 -2.04 13.97 -1.40
N VAL G 1 -1.14 -8.57 -9.10
CA VAL G 1 -1.15 -8.69 -10.55
C VAL G 1 -1.12 -10.19 -10.80
N ORN G 2 -1.09 -14.58 -7.47
CA ORN G 2 -0.21 -13.76 -8.35
CB ORN G 2 -1.01 -12.66 -8.99
CG ORN G 2 -2.26 -13.11 -9.74
CD ORN G 2 -2.44 -12.29 -11.06
NE ORN G 2 -2.34 -10.85 -10.84
C ORN G 2 0.88 -13.11 -7.49
O ORN G 2 1.20 -13.60 -6.41
H2 ORN G 2 -1.72 -14.03 -6.89
H ORN G 2 -1.69 -15.23 -7.99
HA ORN G 2 0.24 -14.43 -9.08
HB2 ORN G 2 -1.35 -11.97 -8.20
HB3 ORN G 2 -0.37 -12.13 -9.70
HG2 ORN G 2 -2.17 -14.17 -9.99
HG3 ORN G 2 -3.14 -12.98 -9.11
HD2 ORN G 2 -3.43 -12.51 -11.47
HD3 ORN G 2 -1.67 -12.59 -11.77
HE1 ORN G 2 -3.22 -10.37 -10.74
N LYS G 3 1.43 -11.94 -7.96
CA LYS G 3 2.46 -11.23 -7.20
C LYS G 3 2.11 -9.76 -6.90
N LEU G 4 2.57 -9.26 -5.76
CA LEU G 4 2.43 -7.82 -5.50
C LEU G 4 3.22 -7.02 -6.53
N VAL G 5 2.61 -5.92 -6.98
CA VAL G 5 3.23 -4.93 -7.86
C VAL G 5 2.84 -3.57 -7.28
N PHI G 6 3.74 -2.61 -7.38
CA PHI G 6 3.50 -1.31 -6.80
CB PHI G 6 4.78 -0.66 -6.25
CG PHI G 6 4.89 -1.11 -4.79
CD1 PHI G 6 5.75 -2.22 -4.48
CD2 PHI G 6 4.19 -0.50 -3.78
CE1 PHI G 6 5.87 -2.66 -3.20
CE2 PHI G 6 4.30 -0.95 -2.50
CZ PHI G 6 5.18 -2.05 -2.18
I PHI G 6 5.40 -2.75 -0.19
C PHI G 6 2.95 -0.49 -7.93
O PHI G 6 3.56 -0.54 -9.06
H PHI G 6 4.38 -2.54 -8.07
HA PHI G 6 2.90 -1.37 -6.04
HB2 PHI G 6 5.51 -0.94 -6.74
HB3 PHI G 6 4.72 0.27 -6.30
HD1 PHI G 6 6.25 -2.66 -5.18
HD2 PHI G 6 3.58 0.30 -4.00
HE1 PHI G 6 6.48 -3.43 -3.00
HE2 PHI G 6 3.76 -0.49 -1.74
N PHE G 7 1.87 0.23 -7.71
CA PHE G 7 1.32 1.13 -8.72
C PHE G 7 1.41 2.54 -8.16
N CYS G 8 2.04 3.44 -8.91
CA CYS G 8 2.49 4.73 -8.40
C CYS G 8 1.81 5.87 -9.13
N GLU G 9 1.38 6.88 -8.36
CA GLU G 9 0.84 8.14 -8.88
C GLU G 9 1.74 9.30 -8.50
N ASP G 10 1.86 10.28 -9.37
CA ASP G 10 2.55 11.50 -8.98
C ASP G 10 1.69 12.24 -7.98
N VAL G 11 2.32 12.75 -6.92
CA VAL G 11 1.63 13.56 -5.92
C VAL G 11 2.28 14.92 -5.75
N GLY G 12 3.24 15.24 -6.61
CA GLY G 12 3.96 16.50 -6.56
C GLY G 12 5.34 16.34 -5.96
N SER G 13 6.07 17.46 -5.98
CA SER G 13 7.42 17.51 -5.42
C SER G 13 8.28 16.37 -5.95
N ASN G 14 7.99 15.93 -7.16
CA ASN G 14 8.70 14.82 -7.80
C ASN G 14 8.69 13.59 -6.91
N LYS G 15 7.50 13.26 -6.43
CA LYS G 15 7.29 12.08 -5.59
C LYS G 15 6.14 11.26 -6.17
N GLY G 16 6.33 9.96 -6.25
CA GLY G 16 5.25 9.04 -6.61
C GLY G 16 4.78 8.30 -5.39
N ALA G 17 3.47 8.33 -5.17
CA ALA G 17 2.87 7.53 -4.11
C ALA G 17 2.54 6.17 -4.69
N CYS G 18 3.06 5.12 -4.08
CA CYS G 18 3.01 3.77 -4.64
C CYS G 18 2.27 2.84 -3.70
N ILE G 19 1.33 2.11 -4.27
CA ILE G 19 0.46 1.18 -3.58
C ILE G 19 0.75 -0.21 -4.11
N SAR G 20 0.80 -1.24 -3.27
CA SAR G 20 0.79 -2.64 -3.69
C SAR G 20 -0.41 -3.12 -4.10
O SAR G 20 -1.37 -2.92 -3.40
CN SAR G 20 0.80 -1.14 -1.81
HA2 SAR G 20 1.07 -3.20 -2.95
HA3 SAR G 20 1.40 -2.77 -4.43
HN1 SAR G 20 1.28 -1.92 -1.44
HN2 SAR G 20 1.26 -0.31 -1.53
HN3 SAR G 20 -0.12 -1.13 -1.48
N LEU G 21 -0.48 -3.80 -5.23
CA LEU G 21 -1.71 -4.50 -5.65
C LEU G 21 -1.29 -5.83 -6.24
N MET G 22 -2.17 -6.82 -6.23
CA MET G 22 -1.85 -8.07 -6.87
C MET G 22 -2.10 -8.01 -8.37
N VAL H 1 12.75 -3.79 -2.28
CA VAL H 1 11.97 -3.36 -1.12
C VAL H 1 12.54 -4.26 -0.03
N ORN H 2 15.74 -8.00 1.82
CA ORN H 2 14.82 -7.33 0.85
CB ORN H 2 15.33 -5.95 0.46
CG ORN H 2 15.33 -4.92 1.63
CD ORN H 2 13.89 -4.45 2.02
NE ORN H 2 13.30 -3.66 0.96
C ORN H 2 14.49 -8.20 -0.40
O ORN H 2 14.90 -9.36 -0.51
H2 ORN H 2 15.53 -8.98 1.98
H ORN H 2 16.72 -7.99 1.54
HA ORN H 2 13.87 -7.26 1.39
HB2 ORN H 2 14.70 -5.55 -0.34
HB3 ORN H 2 16.37 -6.05 0.11
HG2 ORN H 2 15.79 -5.39 2.51
HG3 ORN H 2 15.92 -4.06 1.34
HD2 ORN H 2 13.27 -5.32 2.23
HD3 ORN H 2 13.96 -3.82 2.92
HE1 ORN H 2 13.46 -2.67 0.99
N LYS H 3 13.71 -7.61 -1.36
CA LYS H 3 13.25 -8.36 -2.51
C LYS H 3 12.83 -7.47 -3.67
N LEU H 4 12.99 -7.97 -4.91
CA LEU H 4 12.69 -7.17 -6.09
C LEU H 4 11.20 -7.17 -6.39
N VAL H 5 10.63 -5.98 -6.37
CA VAL H 5 9.22 -5.78 -6.68
C VAL H 5 9.19 -4.77 -7.82
N PHI H 6 8.30 -4.97 -8.78
CA PHI H 6 8.04 -3.96 -9.79
CB PHI H 6 7.35 -4.69 -10.99
CG PHI H 6 8.50 -5.26 -11.84
CD1 PHI H 6 8.94 -6.63 -11.57
CD2 PHI H 6 9.16 -4.53 -12.81
CE1 PHI H 6 9.96 -7.16 -12.29
CE2 PHI H 6 10.19 -5.07 -13.52
CZ PHI H 6 10.60 -6.43 -13.27
I PHI H 6 12.19 -7.25 -14.35
C PHI H 6 7.26 -2.78 -9.34
O PHI H 6 6.27 -2.91 -8.53
H PHI H 6 8.05 -5.81 -9.10
HA PHI H 6 8.89 -3.57 -10.04
HB2 PHI H 6 6.80 -5.36 -10.69
HB3 PHI H 6 6.85 -4.08 -11.49
HD1 PHI H 6 8.50 -7.15 -10.90
HD2 PHI H 6 8.87 -3.56 -13.00
HE1 PHI H 6 10.25 -8.10 -12.10
HE2 PHI H 6 10.68 -4.50 -14.26
N PHE H 7 7.67 -1.61 -9.81
CA PHE H 7 6.93 -0.37 -9.57
C PHE H 7 6.46 0.16 -10.94
N CYS H 8 5.17 0.44 -11.11
CA CYS H 8 4.60 0.80 -12.39
C CYS H 8 3.86 2.11 -12.30
N GLU H 9 3.81 2.84 -13.41
CA GLU H 9 2.90 3.97 -13.53
C GLU H 9 2.38 4.00 -14.96
N ASP H 10 1.88 5.16 -15.39
CA ASP H 10 1.34 5.36 -16.73
C ASP H 10 2.02 6.59 -17.34
N VAL H 11 2.89 6.27 -18.36
CA VAL H 11 3.93 7.18 -18.90
C VAL H 11 3.37 8.05 -20.03
N GLY H 12 4.10 9.13 -20.33
CA GLY H 12 3.75 9.86 -21.55
C GLY H 12 2.32 10.33 -21.48
N SER H 13 1.55 10.15 -22.56
CA SER H 13 0.13 10.44 -22.43
C SER H 13 -0.71 9.21 -22.15
N ASN H 14 -0.32 8.03 -22.62
CA ASN H 14 -0.68 6.82 -21.88
C ASN H 14 -0.09 5.49 -22.37
N LYS H 15 0.90 5.01 -21.61
CA LYS H 15 1.46 3.67 -21.68
C LYS H 15 2.10 3.37 -20.32
N GLY H 16 1.97 2.14 -19.83
CA GLY H 16 2.42 1.79 -18.50
C GLY H 16 3.79 1.12 -18.48
N ALA H 17 4.74 1.79 -17.85
CA ALA H 17 6.08 1.25 -17.72
C ALA H 17 6.39 1.00 -16.25
N CYS H 18 7.26 0.04 -16.03
CA CYS H 18 7.59 -0.39 -14.69
C CYS H 18 9.11 -0.46 -14.58
N ILE H 19 9.59 -0.49 -13.34
CA ILE H 19 10.99 -0.81 -13.09
C ILE H 19 11.10 -1.70 -11.85
N SAR H 20 12.16 -2.49 -11.75
CA SAR H 20 12.50 -3.23 -10.54
C SAR H 20 13.09 -2.47 -9.59
O SAR H 20 14.04 -1.81 -9.93
CN SAR H 20 13.14 -2.73 -12.81
HA2 SAR H 20 13.12 -3.95 -10.74
HA3 SAR H 20 11.71 -3.61 -10.13
HN1 SAR H 20 13.28 -1.89 -13.32
HN2 SAR H 20 12.81 -3.43 -13.40
HN3 SAR H 20 14.00 -3.01 -12.40
N LEU H 21 12.64 -2.53 -8.34
CA LEU H 21 13.33 -1.90 -7.22
C LEU H 21 13.36 -2.86 -6.05
N MET H 22 14.32 -2.66 -5.17
CA MET H 22 14.43 -3.50 -3.99
C MET H 22 13.61 -2.95 -2.84
N VAL I 1 1.44 -13.06 -21.12
CA VAL I 1 1.30 -13.94 -22.26
C VAL I 1 1.49 -15.37 -21.76
N ORN I 2 -1.56 -18.46 -17.53
CA ORN I 2 -0.41 -17.72 -18.19
CB ORN I 2 -0.86 -17.08 -19.51
CG ORN I 2 -0.72 -18.01 -20.73
CD ORN I 2 0.51 -17.64 -21.58
NE ORN I 2 0.45 -16.24 -22.00
C ORN I 2 0.13 -16.62 -17.25
O ORN I 2 -0.63 -15.87 -16.64
H2 ORN I 2 -1.79 -19.35 -17.99
H ORN I 2 -1.39 -18.71 -16.55
HA ORN I 2 0.37 -18.47 -18.34
HB2 ORN I 2 -0.24 -16.18 -19.69
HB3 ORN I 2 -1.93 -16.81 -19.43
HG2 ORN I 2 -1.61 -17.94 -21.34
HG3 ORN I 2 -0.61 -19.04 -20.38
HD2 ORN I 2 0.53 -18.28 -22.46
HD3 ORN I 2 1.42 -17.79 -20.99
HE1 ORN I 2 -0.40 -15.97 -22.49
N LYS I 3 1.50 -16.53 -17.17
CA LYS I 3 2.15 -15.55 -16.33
C LYS I 3 2.80 -14.43 -17.14
N LEU I 4 3.13 -13.33 -16.44
CA LEU I 4 3.60 -12.13 -17.09
C LEU I 4 5.10 -12.17 -17.35
N VAL I 5 5.49 -11.48 -18.40
CA VAL I 5 6.85 -11.40 -18.89
C VAL I 5 7.25 -9.94 -18.98
N PHI I 6 8.49 -9.61 -18.63
CA PHI I 6 8.92 -8.23 -18.60
CB PHI I 6 9.50 -7.75 -17.26
CG PHI I 6 8.36 -7.26 -16.37
CD1 PHI I 6 7.87 -8.15 -15.33
CD2 PHI I 6 7.79 -6.01 -16.55
CE1 PHI I 6 6.87 -7.75 -14.53
CE2 PHI I 6 6.78 -5.62 -15.74
CZ PHI I 6 6.31 -6.51 -14.70
I PHI I 6 4.73 -5.95 -13.46
C PHI I 6 9.97 -8.08 -19.67
O PHI I 6 10.96 -8.91 -19.75
H PHI I 6 9.24 -10.18 -18.72
HA PHI I 6 8.14 -7.68 -18.74
HB2 PHI I 6 9.94 -8.46 -16.84
HB3 PHI I 6 10.11 -7.07 -17.41
HD1 PHI I 6 8.27 -9.02 -15.22
HD2 PHI I 6 8.13 -5.40 -17.30
HE1 PHI I 6 6.53 -8.36 -13.80
HE2 PHI I 6 6.35 -4.67 -15.86
N PHE I 7 9.85 -7.05 -20.47
CA PHE I 7 10.92 -6.69 -21.39
C PHE I 7 11.55 -5.36 -20.96
N CYS I 8 12.87 -5.33 -20.86
CA CYS I 8 13.53 -4.21 -20.21
C CYS I 8 14.59 -3.65 -21.13
N GLU I 9 14.67 -2.33 -21.18
CA GLU I 9 15.39 -1.59 -22.20
C GLU I 9 15.75 -0.25 -21.58
N ASP I 10 16.56 0.52 -22.26
CA ASP I 10 16.92 1.85 -21.78
C ASP I 10 16.12 2.92 -22.50
N VAL I 11 15.41 3.74 -21.70
CA VAL I 11 14.52 4.77 -22.22
C VAL I 11 15.25 5.65 -23.22
N GLY I 12 16.42 6.14 -22.84
CA GLY I 12 17.02 7.31 -23.44
C GLY I 12 17.26 8.32 -22.33
N SER I 13 18.37 9.05 -22.41
CA SER I 13 18.91 9.84 -21.29
C SER I 13 19.50 8.94 -20.21
N ASN I 14 19.65 7.64 -20.50
CA ASN I 14 20.29 6.67 -19.61
C ASN I 14 19.41 6.32 -18.41
N LYS I 15 18.09 6.38 -18.58
CA LYS I 15 17.13 5.83 -17.63
C LYS I 15 16.44 4.65 -18.31
N GLY I 16 16.11 3.64 -17.51
CA GLY I 16 15.55 2.41 -18.05
C GLY I 16 14.11 2.18 -17.69
N ALA I 17 13.46 1.25 -18.41
CA ALA I 17 12.08 0.92 -18.15
C ALA I 17 11.75 -0.46 -18.72
N CYS I 18 10.79 -1.11 -18.09
CA CYS I 18 10.30 -2.41 -18.51
C CYS I 18 8.82 -2.31 -18.83
N ILE I 19 8.38 -3.16 -19.75
CA ILE I 19 6.96 -3.28 -20.02
C ILE I 19 6.58 -4.71 -19.72
N SAR I 20 5.44 -4.88 -19.08
CA SAR I 20 4.85 -6.14 -18.71
C SAR I 20 4.19 -6.70 -19.72
O SAR I 20 3.63 -6.00 -20.51
CN SAR I 20 4.56 -3.78 -18.65
HA2 SAR I 20 4.23 -6.03 -17.99
HA3 SAR I 20 5.53 -6.77 -18.44
HN1 SAR I 20 4.85 -3.47 -17.77
HN2 SAR I 20 4.60 -3.06 -19.30
HN3 SAR I 20 3.63 -4.12 -18.58
N LEU I 21 4.11 -8.04 -19.74
CA LEU I 21 3.37 -8.76 -20.76
C LEU I 21 2.76 -10.04 -20.18
N MET I 22 1.43 -10.11 -20.09
CA MET I 22 0.76 -11.32 -19.63
C MET I 22 0.49 -12.19 -20.84
N VAL J 1 -6.64 -5.75 -12.59
CA VAL J 1 -7.04 -6.65 -13.66
C VAL J 1 -6.92 -6.02 -15.04
N ORN J 2 -5.69 -1.76 -17.76
CA ORN J 2 -6.28 -2.63 -16.65
CB ORN J 2 -5.21 -3.50 -16.04
CG ORN J 2 -4.69 -4.57 -16.98
CD ORN J 2 -5.58 -5.80 -17.03
NE ORN J 2 -5.79 -6.34 -15.74
C ORN J 2 -6.87 -1.75 -15.53
O ORN J 2 -6.54 -0.56 -15.43
H2 ORN J 2 -5.53 -2.27 -18.63
H ORN J 2 -6.27 -0.97 -18.02
HA ORN J 2 -7.09 -3.19 -17.11
HB2 ORN J 2 -4.36 -2.86 -15.75
HB3 ORN J 2 -5.63 -4.00 -15.15
HG2 ORN J 2 -4.59 -4.15 -17.98
HG3 ORN J 2 -3.69 -4.88 -16.63
HD2 ORN J 2 -5.11 -6.55 -17.67
HD3 ORN J 2 -6.55 -5.51 -17.46
HE1 ORN J 2 -5.06 -6.97 -15.40
N LYS J 3 -7.74 -2.35 -14.66
CA LYS J 3 -8.35 -1.59 -13.56
C LYS J 3 -8.38 -2.39 -12.25
N LEU J 4 -8.42 -1.63 -11.16
CA LEU J 4 -8.45 -2.18 -9.82
C LEU J 4 -9.74 -2.94 -9.56
N VAL J 5 -9.61 -4.16 -9.09
CA VAL J 5 -10.76 -4.93 -8.70
C VAL J 5 -10.45 -5.59 -7.37
N PHI J 6 -11.43 -5.58 -6.48
CA PHI J 6 -11.25 -6.14 -5.16
CB PHI J 6 -12.05 -5.33 -4.12
CG PHI J 6 -11.18 -4.14 -3.65
CD1 PHI J 6 -11.45 -2.83 -4.18
CD2 PHI J 6 -10.18 -4.33 -2.74
CE1 PHI J 6 -10.69 -1.77 -3.78
CE2 PHI J 6 -9.40 -3.27 -2.33
CZ PHI J 6 -9.67 -1.95 -2.87
I PHI J 6 -8.48 -0.30 -2.27
C PHI J 6 -11.75 -7.56 -5.17
O PHI J 6 -12.89 -7.83 -5.74
H PHI J 6 -12.34 -5.57 -6.70
HA PHI J 6 -10.33 -6.11 -4.92
HB2 PHI J 6 -12.83 -5.00 -4.49
HB3 PHI J 6 -12.26 -5.86 -3.39
HD1 PHI J 6 -12.17 -2.69 -4.80
HD2 PHI J 6 -10.00 -5.27 -2.34
HE1 PHI J 6 -10.86 -0.86 -4.15
HE2 PHI J 6 -8.63 -3.42 -1.64
N PHE J 7 -10.98 -8.48 -4.59
CA PHE J 7 -11.36 -9.90 -4.41
C PHE J 7 -11.40 -10.20 -2.90
N CYS J 8 -12.53 -10.74 -2.46
CA CYS J 8 -12.89 -10.88 -1.06
C CYS J 8 -12.88 -12.35 -0.66
N GLU J 9 -12.66 -12.61 0.62
CA GLU J 9 -12.81 -13.95 1.17
C GLU J 9 -13.49 -13.85 2.53
N ASP J 10 -14.10 -14.96 2.93
CA ASP J 10 -14.71 -15.08 4.25
C ASP J 10 -13.70 -14.73 5.34
N VAL J 11 -14.18 -14.05 6.38
CA VAL J 11 -13.40 -13.85 7.59
C VAL J 11 -14.15 -14.24 8.84
N GLY J 12 -15.40 -14.66 8.72
CA GLY J 12 -16.22 -14.94 9.87
C GLY J 12 -17.25 -13.84 10.09
N SER J 13 -18.41 -14.24 10.64
CA SER J 13 -19.50 -13.30 10.90
C SER J 13 -20.11 -12.76 9.61
N ASN J 14 -20.02 -13.54 8.53
CA ASN J 14 -20.53 -13.12 7.23
C ASN J 14 -19.88 -11.81 6.77
N LYS J 15 -18.61 -11.61 7.14
CA LYS J 15 -17.86 -10.44 6.72
C LYS J 15 -16.77 -10.83 5.74
N GLY J 16 -16.41 -9.87 4.90
CA GLY J 16 -15.44 -10.09 3.84
C GLY J 16 -14.28 -9.13 3.96
N ALA J 17 -13.07 -9.65 3.78
CA ALA J 17 -11.85 -8.87 3.66
C ALA J 17 -11.39 -8.97 2.22
N CYS J 18 -11.13 -7.83 1.59
CA CYS J 18 -10.94 -7.78 0.16
C CYS J 18 -9.62 -7.10 -0.19
N ILE J 19 -8.82 -7.77 -1.00
CA ILE J 19 -7.56 -7.22 -1.47
C ILE J 19 -7.70 -6.74 -2.92
N SAR J 20 -6.82 -5.85 -3.38
CA SAR J 20 -6.99 -5.42 -4.75
C SAR J 20 -6.17 -5.99 -5.63
O SAR J 20 -5.03 -6.28 -5.37
CN SAR J 20 -5.87 -5.16 -2.55
HA2 SAR J 20 -7.89 -5.65 -5.05
HA3 SAR J 20 -6.87 -4.47 -4.83
HN1 SAR J 20 -5.07 -4.94 -3.07
HN2 SAR J 20 -5.62 -5.73 -1.79
HN3 SAR J 20 -6.27 -4.32 -2.22
N LEU J 21 -6.76 -6.30 -6.78
CA LEU J 21 -6.07 -6.82 -7.95
C LEU J 21 -6.12 -5.81 -9.08
N MET J 22 -5.04 -5.71 -9.83
CA MET J 22 -4.99 -4.86 -11.01
C MET J 22 -5.37 -5.76 -12.19
N VAL K 1 8.46 -5.92 18.92
CA VAL K 1 9.32 -6.18 20.05
C VAL K 1 10.62 -6.83 19.61
N ORN K 2 15.05 -7.11 16.28
CA ORN K 2 13.65 -7.20 16.85
CB ORN K 2 13.30 -5.96 17.65
CG ORN K 2 13.85 -6.00 19.09
CD ORN K 2 13.07 -6.99 19.97
NE ORN K 2 11.76 -6.45 20.30
C ORN K 2 12.59 -7.51 15.74
O ORN K 2 12.90 -7.54 14.55
H2 ORN K 2 15.79 -7.24 16.97
H ORN K 2 15.25 -7.80 15.55
HA ORN K 2 13.67 -8.09 17.49
HB2 ORN K 2 12.20 -5.88 17.72
HB3 ORN K 2 13.72 -5.09 17.15
HG2 ORN K 2 13.80 -5.00 19.53
HG3 ORN K 2 14.91 -6.31 19.07
HD2 ORN K 2 13.62 -7.16 20.90
HD3 ORN K 2 12.94 -7.93 19.43
HE1 ORN K 2 11.73 -5.77 21.05
N LYS K 3 11.31 -7.74 16.19
CA LYS K 3 10.25 -8.09 15.25
C LYS K 3 8.85 -7.77 15.75
N LEU K 4 7.84 -8.24 15.00
CA LEU K 4 6.43 -7.82 15.13
C LEU K 4 5.58 -8.94 15.71
N VAL K 5 5.48 -8.98 17.04
CA VAL K 5 4.80 -10.04 17.77
C VAL K 5 3.29 -9.93 17.83
N PHI K 6 2.56 -11.01 17.61
CA PHI K 6 1.12 -11.04 17.91
CB PHI K 6 0.41 -11.61 16.63
CG PHI K 6 0.33 -10.49 15.57
CD1 PHI K 6 1.33 -10.42 14.53
CD2 PHI K 6 -0.69 -9.56 15.63
CE1 PHI K 6 1.27 -9.43 13.61
CE2 PHI K 6 -0.77 -8.57 14.70
CZ PHI K 6 0.23 -8.51 13.66
I PHI K 6 0.14 -6.96 12.23
C PHI K 6 0.67 -11.80 19.10
O PHI K 6 1.20 -12.93 19.42
H PHI K 6 2.76 -11.68 16.97
HA PHI K 6 0.88 -10.13 18.13
HB2 PHI K 6 0.90 -12.31 16.30
HB3 PHI K 6 -0.44 -11.89 16.85
HD1 PHI K 6 2.05 -11.06 14.50
HD2 PHI K 6 -1.40 -9.63 16.37
HE1 PHI K 6 1.96 -9.36 12.89
HE2 PHI K 6 -1.54 -7.86 14.74
N PHE K 7 -0.32 -11.23 19.79
CA PHE K 7 -0.99 -11.85 20.94
C PHE K 7 -2.48 -11.97 20.62
N CYS K 8 -2.99 -13.20 20.52
CA CYS K 8 -4.33 -13.44 19.98
C CYS K 8 -5.24 -14.08 21.02
N GLU K 9 -6.53 -13.76 20.91
CA GLU K 9 -7.52 -14.40 21.76
C GLU K 9 -8.94 -14.07 21.31
N ASP K 10 -9.85 -14.98 21.62
CA ASP K 10 -11.27 -14.75 21.43
C ASP K 10 -11.84 -13.97 22.61
N VAL K 11 -12.82 -13.11 22.34
CA VAL K 11 -13.51 -12.35 23.40
C VAL K 11 -15.02 -12.46 23.30
N GLY K 12 -15.56 -13.17 22.32
CA GLY K 12 -17.00 -13.30 22.24
C GLY K 12 -17.41 -14.08 21.01
N SER K 13 -18.75 -14.16 20.86
CA SER K 13 -19.34 -14.81 19.70
C SER K 13 -18.89 -14.19 18.40
N ASN K 14 -18.85 -12.84 18.35
CA ASN K 14 -18.57 -12.07 17.15
C ASN K 14 -17.37 -12.63 16.40
N LYS K 15 -16.22 -12.66 17.07
CA LYS K 15 -15.00 -13.19 16.47
C LYS K 15 -13.89 -13.04 17.50
N GLY K 16 -12.75 -13.68 17.21
CA GLY K 16 -11.54 -13.51 17.97
C GLY K 16 -10.53 -12.74 17.14
N ALA K 17 -9.70 -11.94 17.80
CA ALA K 17 -8.80 -11.04 17.10
C ALA K 17 -7.46 -10.97 17.82
N CYS K 18 -6.49 -10.41 17.10
CA CYS K 18 -5.12 -10.31 17.54
C CYS K 18 -4.70 -8.85 17.62
N ILE K 19 -3.63 -8.61 18.34
CA ILE K 19 -3.07 -7.28 18.51
C ILE K 19 -1.56 -7.48 18.37
N SAR K 20 -0.87 -6.53 17.73
CA SAR K 20 0.55 -6.75 17.61
C SAR K 20 1.33 -5.82 18.18
O SAR K 20 0.91 -4.76 18.52
CN SAR K 20 -1.46 -5.39 17.07
HA2 SAR K 20 0.80 -7.59 18.02
HA3 SAR K 20 0.81 -6.77 16.68
HN1 SAR K 20 -0.80 -4.67 17.00
HN2 SAR K 20 -2.23 -5.07 17.58
HN3 SAR K 20 -1.76 -5.65 16.16
N LEU K 21 2.57 -6.23 18.39
CA LEU K 21 3.55 -5.40 19.08
C LEU K 21 4.91 -5.60 18.43
N MET K 22 5.57 -4.49 18.08
CA MET K 22 6.96 -4.51 17.61
C MET K 22 7.87 -4.73 18.81
O1 HEZ L . -4.75 5.68 1.16
C1 HEZ L . -4.60 5.43 -0.23
C2 HEZ L . -5.78 4.60 -0.73
C3 HEZ L . -5.64 4.18 -2.20
C4 HEZ L . -6.66 3.07 -2.51
C5 HEZ L . -7.17 3.19 -3.96
C6 HEZ L . -6.15 2.61 -4.93
O6 HEZ L . -6.40 3.11 -6.21
HO1 HEZ L . -5.43 5.26 1.45
H11 HEZ L . -4.57 6.28 -0.70
H12 HEZ L . -3.78 4.94 -0.37
H21 HEZ L . -5.86 3.80 -0.18
H22 HEZ L . -6.59 5.13 -0.64
H31 HEZ L . -5.81 4.94 -2.77
H32 HEZ L . -4.75 3.85 -2.35
H41 HEZ L . -6.23 2.20 -2.41
H42 HEZ L . -7.40 3.14 -1.91
H51 HEZ L . -8.01 2.69 -4.03
H52 HEZ L . -7.33 4.12 -4.16
H61 HEZ L . -5.26 2.87 -4.65
H62 HEZ L . -6.22 1.65 -4.93
HO6 HEZ L . -7.03 2.67 -6.58
O1 HEZ M . -15.14 -12.36 -10.66
C1 HEZ M . -14.97 -12.45 -12.05
C2 HEZ M . -13.62 -11.88 -12.46
C3 HEZ M . -13.81 -10.54 -13.18
C4 HEZ M . -12.50 -10.01 -13.74
C5 HEZ M . -11.86 -10.97 -14.75
C6 HEZ M . -12.82 -11.29 -15.90
O6 HEZ M . -12.16 -12.08 -16.85
HO1 HEZ M . -14.88 -13.09 -10.29
H11 HEZ M . -15.02 -13.39 -12.32
H12 HEZ M . -15.68 -11.95 -12.50
H21 HEZ M . -13.07 -11.74 -11.67
H22 HEZ M . -13.16 -12.50 -13.04
H31 HEZ M . -14.44 -10.68 -13.90
H32 HEZ M . -14.17 -9.90 -12.55
H41 HEZ M . -12.67 -9.16 -14.17
H42 HEZ M . -11.87 -9.88 -13.00
H51 HEZ M . -11.06 -10.56 -15.11
H52 HEZ M . -11.62 -11.80 -14.30
H61 HEZ M . -13.59 -11.76 -15.56
H62 HEZ M . -13.11 -10.46 -16.31
HO6 HEZ M . -12.62 -12.78 -17.00
O1 HEZ N . 6.71 26.85 8.10
C1 HEZ N . 7.12 26.53 6.80
C2 HEZ N . 7.44 25.03 6.74
C3 HEZ N . 6.15 24.29 6.39
C4 HEZ N . 6.48 22.87 5.91
C5 HEZ N . 7.17 22.93 4.54
C6 HEZ N . 6.92 21.64 3.76
O6 HEZ N . 6.82 21.90 2.38
HO1 HEZ N . 6.04 27.37 8.06
H11 HEZ N . 6.41 26.74 6.18
H12 HEZ N . 7.91 27.05 6.57
H21 HEZ N . 8.11 24.87 6.07
H22 HEZ N . 7.76 24.74 7.60
H31 HEZ N . 5.59 24.24 7.18
H32 HEZ N . 5.69 24.76 5.68
H41 HEZ N . 7.08 22.44 6.55
H42 HEZ N . 5.66 22.36 5.84
H51 HEZ N . 6.80 23.67 4.04
H52 HEZ N . 8.11 23.05 4.67
H61 HEZ N . 7.65 21.02 3.92
H62 HEZ N . 6.09 21.23 4.06
HO6 HEZ N . 6.93 21.18 1.93
O1 HEZ O . -10.77 -8.73 13.34
C1 HEZ O . -9.92 -8.11 12.41
C2 HEZ O . -10.54 -8.12 11.02
C3 HEZ O . -9.58 -7.51 10.00
C4 HEZ O . -10.16 -7.68 8.59
C5 HEZ O . -11.31 -6.69 8.40
C6 HEZ O . -11.91 -6.84 7.01
O6 HEZ O . -13.20 -6.30 6.99
HO1 HEZ O . -10.83 -9.56 13.17
H11 HEZ O . -9.75 -7.19 12.68
H12 HEZ O . -9.07 -8.60 12.39
H21 HEZ O . -10.74 -9.04 10.76
H22 HEZ O . -11.37 -7.61 11.03
H31 HEZ O . -8.72 -7.96 10.06
H32 HEZ O . -9.46 -6.58 10.20
H41 HEZ O . -10.49 -8.59 8.49
H42 HEZ O . -9.47 -7.52 7.94
H51 HEZ O . -10.97 -5.79 8.50
H52 HEZ O . -12.00 -6.87 9.06
H61 HEZ O . -11.36 -6.37 6.35
H62 HEZ O . -11.95 -7.78 6.76
HO6 HEZ O . -13.31 -5.78 7.66
O1 HEZ P . 9.34 6.40 14.48
C1 HEZ P . 10.02 7.63 14.48
C2 HEZ P . 9.29 8.59 13.54
C3 HEZ P . 9.81 8.44 12.12
C4 HEZ P . 9.86 9.85 11.51
C5 HEZ P . 9.86 9.78 10.00
C6 HEZ P . 11.20 9.22 9.51
O6 HEZ P . 12.19 10.21 9.64
HO1 HEZ P . 8.51 6.51 14.34
H11 HEZ P . 10.02 8.00 15.38
H12 HEZ P . 10.93 7.50 14.19
H21 HEZ P . 8.34 8.39 13.56
H22 HEZ P . 9.45 9.50 13.84
H31 HEZ P . 10.70 8.05 12.12
H32 HEZ P . 9.21 7.88 11.60
H41 HEZ P . 9.09 10.35 11.81
H42 HEZ P . 10.67 10.30 11.82
H51 HEZ P . 9.15 9.21 9.69
H52 HEZ P . 9.73 10.67 9.63
H61 HEZ P . 11.12 8.96 8.58
H62 HEZ P . 11.44 8.45 10.05
HO6 HEZ P . 12.95 9.85 9.49
O1 HEZ Q . -2.68 -15.03 -5.39
C1 HEZ Q . -3.09 -14.27 -4.29
C2 HEZ Q . -4.23 -13.36 -4.75
C3 HEZ Q . -5.41 -14.26 -5.13
C4 HEZ Q . -6.52 -13.38 -5.69
C5 HEZ Q . -7.57 -14.22 -6.43
C6 HEZ Q . -7.42 -14.10 -7.95
O6 HEZ Q . -8.57 -14.52 -8.62
HO1 HEZ Q . -2.94 -15.84 -5.30
H11 HEZ Q . -3.40 -14.86 -3.59
H12 HEZ Q . -2.35 -13.73 -3.97
H21 HEZ Q . -4.47 -12.76 -4.03
H22 HEZ Q . -3.95 -12.84 -5.52
H31 HEZ Q . -5.74 -14.72 -4.33
H32 HEZ Q . -5.13 -14.91 -5.78
H41 HEZ Q . -6.96 -12.90 -4.97
H42 HEZ Q . -6.13 -12.74 -6.32
H51 HEZ Q . -8.45 -13.92 -6.18
H52 HEZ Q . -7.46 -15.15 -6.18
H61 HEZ Q . -6.66 -14.65 -8.24
H62 HEZ Q . -7.24 -13.17 -8.18
HO6 HEZ Q . -9.08 -14.94 -8.09
O1 HEZ R . 8.08 5.95 -9.42
C1 HEZ R . 7.49 5.48 -10.61
C2 HEZ R . 8.17 4.20 -11.13
C3 HEZ R . 7.65 3.89 -12.54
C4 HEZ R . 8.80 3.62 -13.53
C5 HEZ R . 8.48 4.16 -14.93
C6 HEZ R . 9.78 4.19 -15.74
O6 HEZ R . 9.55 4.36 -17.12
HO1 HEZ R . 7.91 5.41 -8.78
H11 HEZ R . 6.56 5.29 -10.43
H12 HEZ R . 7.57 6.16 -11.29
H21 HEZ R . 9.13 4.34 -11.17
H22 HEZ R . 7.97 3.47 -10.54
H31 HEZ R . 7.08 3.11 -12.51
H32 HEZ R . 7.15 4.65 -12.86
H41 HEZ R . 9.61 4.04 -13.20
H42 HEZ R . 8.94 2.65 -13.59
H51 HEZ R . 7.84 3.57 -15.37
H52 HEZ R . 8.12 5.05 -14.85
H61 HEZ R . 10.27 3.36 -15.61
H62 HEZ R . 10.33 4.93 -15.43
HO6 HEZ R . 9.18 3.67 -17.43
O1 HEZ S . 15.90 -0.95 -15.60
C1 HEZ S . 16.58 -1.92 -16.36
C2 HEZ S . 17.18 -1.35 -17.66
C3 HEZ S . 17.43 -2.53 -18.61
C4 HEZ S . 18.38 -2.19 -19.75
C5 HEZ S . 19.75 -2.83 -19.54
C6 HEZ S . 20.85 -1.77 -19.75
O6 HEZ S . 21.78 -1.78 -18.69
HO1 HEZ S . 16.03 -1.10 -14.77
H11 HEZ S . 17.30 -2.28 -15.82
H12 HEZ S . 15.96 -2.63 -16.60
H21 HEZ S . 16.56 -0.73 -18.06
H22 HEZ S . 18.02 -0.89 -17.46
H31 HEZ S . 17.82 -3.25 -18.10
H32 HEZ S . 16.58 -2.81 -18.98
H41 HEZ S . 18.00 -2.52 -20.59
H42 HEZ S . 18.48 -1.23 -19.81
H51 HEZ S . 19.81 -3.17 -18.64
H52 HEZ S . 19.88 -3.55 -20.17
H61 HEZ S . 21.32 -1.96 -20.58
H62 HEZ S . 20.45 -0.89 -19.80
HO6 HEZ S . 22.58 -1.83 -18.99
O1 HEZ T . 2.01 -2.21 -16.75
C1 HEZ T . 1.51 -2.42 -15.44
C2 HEZ T . 1.71 -3.87 -15.00
C3 HEZ T . 0.43 -4.69 -15.13
C4 HEZ T . 0.43 -5.36 -16.50
C5 HEZ T . 0.46 -6.87 -16.33
C6 HEZ T . 0.30 -7.51 -17.72
O6 HEZ T . -1.04 -7.86 -17.90
HO1 HEZ T . 1.43 -2.44 -17.32
H11 HEZ T . 0.56 -2.20 -15.44
H12 HEZ T . 1.98 -1.82 -14.83
H21 HEZ T . 1.99 -3.87 -14.07
H22 HEZ T . 2.40 -4.27 -15.54
H31 HEZ T . -0.35 -4.12 -15.05
H32 HEZ T . 0.40 -5.37 -14.43
H41 HEZ T . -0.37 -5.10 -16.98
H42 HEZ T . 1.21 -5.08 -16.99
H51 HEZ T . 1.30 -7.15 -15.95
H52 HEZ T . -0.27 -7.15 -15.76
H61 HEZ T . 0.57 -6.87 -18.40
H62 HEZ T . 0.86 -8.30 -17.77
HO6 HEZ T . -1.28 -8.41 -17.30
O1 HEZ U . -14.92 -1.11 -13.25
C1 HEZ U . -14.41 -2.40 -13.48
C2 HEZ U . -13.43 -2.48 -14.66
C3 HEZ U . -12.91 -3.91 -14.84
C4 HEZ U . -11.61 -3.90 -15.62
C5 HEZ U . -11.44 -5.18 -16.46
C6 HEZ U . -10.26 -5.03 -17.41
O6 HEZ U . -9.81 -6.25 -17.94
HO1 HEZ U . -14.75 -0.88 -12.44
H11 HEZ U . -13.95 -2.71 -12.68
H12 HEZ U . -15.16 -3.00 -13.67
H21 HEZ U . -13.89 -2.20 -15.47
H22 HEZ U . -12.68 -1.89 -14.49
H31 HEZ U . -12.77 -4.32 -13.97
H32 HEZ U . -13.58 -4.43 -15.32
H41 HEZ U . -11.60 -3.14 -16.21
H42 HEZ U . -10.86 -3.84 -15.00
H51 HEZ U . -11.29 -5.94 -15.87
H52 HEZ U . -12.26 -5.33 -16.98
H61 HEZ U . -10.52 -4.45 -18.14
H62 HEZ U . -9.53 -4.61 -16.93
HO6 HEZ U . -9.52 -6.14 -18.74
#